data_3F2Y
#
_entry.id   3F2Y
#
_cell.length_a   70.988
_cell.length_b   70.988
_cell.length_c   140.004
_cell.angle_alpha   90.00
_cell.angle_beta   90.00
_cell.angle_gamma   120.00
#
_symmetry.space_group_name_H-M   'P 31 2 1'
#
loop_
_entity.id
_entity.type
_entity.pdbx_description
1 polymer 'FMN riboswitch'
2 non-polymer 'FLAVIN MONONUCLEOTIDE'
3 non-polymer 'POTASSIUM ION'
4 non-polymer 'MAGNESIUM ION'
5 non-polymer 'MANGANESE (II) ION'
#
_entity_poly.entity_id   1
_entity_poly.type   'polyribonucleotide'
_entity_poly.pdbx_seq_one_letter_code
;(GTP)GAUCUUCGGGGCAGGGUGAAAUUCCCGACCGGUGGUAUAGUCCACGAAAGUAUUUGCUUUGAUUUGGUGAAAUUC
CAAAACCGACAGUAGAGUCUGGAUGAGAGAAGAUU(CCC)
;
_entity_poly.pdbx_strand_id   X
#
loop_
_chem_comp.id
_chem_comp.type
_chem_comp.name
_chem_comp.formula
A RNA linking ADENOSINE-5'-MONOPHOSPHATE 'C10 H14 N5 O7 P'
C RNA linking CYTIDINE-5'-MONOPHOSPHATE 'C9 H14 N3 O8 P'
CCC RNA linking 'CYTIDINE-5'-PHOSPHATE-2',3'-CYCLIC PHOSPHATE' 'C9 H13 N3 O10 P2'
FMN non-polymer 'FLAVIN MONONUCLEOTIDE' 'C17 H21 N4 O9 P'
G RNA linking GUANOSINE-5'-MONOPHOSPHATE 'C10 H14 N5 O8 P'
GTP non-polymer GUANOSINE-5'-TRIPHOSPHATE 'C10 H16 N5 O14 P3'
K non-polymer 'POTASSIUM ION' 'K 1'
MG non-polymer 'MAGNESIUM ION' 'Mg 2'
MN non-polymer 'MANGANESE (II) ION' 'Mn 2'
U RNA linking URIDINE-5'-MONOPHOSPHATE 'C9 H13 N2 O9 P'
#
# COMPACT_ATOMS: atom_id res chain seq x y z
PG GTP A 1 10.89 1.49 2.25
O1G GTP A 1 10.51 2.34 3.44
O2G GTP A 1 10.15 0.18 2.32
O3G GTP A 1 12.38 1.26 2.25
O3B GTP A 1 10.45 2.28 0.90
PB GTP A 1 11.08 3.70 0.45
O1B GTP A 1 9.96 4.72 0.35
O2B GTP A 1 11.81 3.58 -0.85
O3A GTP A 1 12.10 4.11 1.63
PA GTP A 1 12.40 5.66 2.00
O1A GTP A 1 13.73 5.78 2.71
O2A GTP A 1 11.28 6.24 2.84
O5' GTP A 1 12.49 6.39 0.57
C5' GTP A 1 12.33 7.79 0.46
C4' GTP A 1 13.34 8.34 -0.54
O4' GTP A 1 14.66 8.09 -0.11
C3' GTP A 1 13.28 7.65 -1.88
O3' GTP A 1 12.26 8.14 -2.72
C2' GTP A 1 14.67 7.80 -2.48
O2' GTP A 1 14.86 9.09 -3.02
C1' GTP A 1 15.47 7.64 -1.18
N9 GTP A 1 15.84 6.22 -1.02
C8 GTP A 1 15.42 5.37 -0.02
N7 GTP A 1 15.97 4.15 -0.21
C5 GTP A 1 16.74 4.20 -1.33
C6 GTP A 1 17.51 3.24 -1.98
O6 GTP A 1 17.58 2.10 -1.54
N1 GTP A 1 18.19 3.59 -3.13
C2 GTP A 1 18.11 4.87 -3.63
N2 GTP A 1 18.76 5.20 -4.73
N3 GTP A 1 17.33 5.82 -2.98
C4 GTP A 1 16.66 5.49 -1.85
PC CCC A 112 24.81 4.36 -8.92
O1C CCC A 112 26.05 4.26 -8.06
O2C CCC A 112 24.83 5.63 -9.73
P CCC A 112 23.79 -2.09 -8.78
OP1 CCC A 112 25.01 -2.18 -9.67
OP2 CCC A 112 23.95 -2.31 -7.30
O5' CCC A 112 23.10 -0.65 -8.99
C5' CCC A 112 23.19 0.06 -10.23
C4' CCC A 112 22.89 1.54 -10.00
O4' CCC A 112 21.63 1.66 -9.32
C3' CCC A 112 23.97 2.16 -9.13
O3' CCC A 112 24.72 3.10 -9.89
C2' CCC A 112 23.22 2.87 -8.00
O2' CCC A 112 23.48 4.27 -8.02
C1' CCC A 112 21.74 2.60 -8.25
N1 CCC A 112 21.08 2.06 -7.06
C2 CCC A 112 20.05 2.70 -6.51
O2 CCC A 112 19.63 3.75 -6.96
N3 CCC A 112 19.48 2.17 -5.43
C4 CCC A 112 20.00 1.02 -4.99
N4 CCC A 112 19.49 0.44 -3.92
C5 CCC A 112 20.98 0.51 -5.60
C6 CCC A 112 21.47 1.00 -6.57
N1 FMN B . -19.40 -4.98 -0.91
C2 FMN B . -19.01 -5.84 -1.92
O2 FMN B . -18.96 -7.05 -1.70
N3 FMN B . -18.69 -5.33 -3.17
C4 FMN B . -18.75 -3.97 -3.41
O4 FMN B . -18.47 -3.54 -4.52
C4A FMN B . -19.14 -3.10 -2.39
N5 FMN B . -19.21 -1.74 -2.61
C5A FMN B . -19.60 -0.88 -1.59
C6 FMN B . -19.67 0.49 -1.81
C7 FMN B . -20.07 1.36 -0.80
C7M FMN B . -20.14 2.84 -1.07
C8 FMN B . -20.39 0.84 0.46
C8M FMN B . -20.82 1.71 1.60
C9 FMN B . -20.32 -0.53 0.68
C9A FMN B . -19.92 -1.40 -0.33
N10 FMN B . -19.86 -2.77 -0.11
C10 FMN B . -19.46 -3.62 -1.13
C1' FMN B . -20.03 -3.32 1.28
C2' FMN B . -18.69 -3.35 2.00
O2' FMN B . -17.88 -4.33 1.40
C3' FMN B . -18.83 -3.64 3.50
O3' FMN B . -19.21 -4.98 3.67
C4' FMN B . -19.85 -2.76 4.20
O4' FMN B . -19.58 -1.41 3.92
C5' FMN B . -19.82 -2.99 5.71
O5' FMN B . -18.63 -2.43 6.22
P FMN B . -18.01 -2.84 7.65
O1P FMN B . -16.51 -2.93 7.48
O2P FMN B . -18.59 -4.15 8.08
O3P FMN B . -18.31 -1.79 8.69
K K C . -7.28 1.38 13.08
K K D . -22.41 -10.12 -0.75
MG MG E . -32.13 -19.34 10.66
MG MG F . -33.15 -29.26 13.63
MG MG G . 11.03 3.32 -2.59
MG MG H . -14.36 8.10 27.65
MG MG I . -32.39 -9.19 11.66
MG MG J . -20.38 -6.79 18.36
MG MG K . -24.70 -19.90 19.03
MG MG L . -35.82 -21.10 2.38
MG MG M . -19.04 11.22 17.54
MG MG N . 2.35 -5.46 -12.45
MG MG O . -19.64 10.11 11.50
MN MN P . -45.59 -23.36 8.82
MN MN Q . -29.44 -5.38 10.49
MN MN R . -32.85 -6.03 -2.33
MN MN S . -15.08 -1.29 8.55
#